data_5KXJ
#
_entry.id   5KXJ
#
_cell.length_a   290.937
_cell.length_b   290.937
_cell.length_c   290.937
_cell.angle_alpha   90.00
_cell.angle_beta   90.00
_cell.angle_gamma   90.00
#
_symmetry.space_group_name_H-M   'F 41 3 2'
#
loop_
_entity.id
_entity.type
_entity.pdbx_description
1 polymer 'L-aspartate oxidase'
2 non-polymer GLYCEROL
3 non-polymer 1,2-ETHANEDIOL
4 non-polymer 'SULFATE ION'
5 non-polymer 'ASPARTIC ACID'
6 water water
#
_entity_poly.entity_id   1
_entity_poly.type   'polypeptide(L)'
_entity_poly.pdbx_seq_one_letter_code
;MMTTPELSCDVLIIGSGAAGLSLALRLAEKHKVIVLSKGPVSEGSTFYAQGGIAAVFDETDSIASHVEDTLIAGAGICDR
HAVEFVASNARTCVQWLIDQGVLFDTHVQPNGKESYHLTREGGHSHRRILHAADATGKEVETTLVSRAQNHPNIQVLERS
NAVDLIISDKMGLPGPRRVVGAWIWNRNKEWVETCHAKSVVLATGGASKVYQYTTNPDISSGDGIAMAWRAGCRVANLEF
NQFHPTALYHPQARNFLLTEALRGEGAYLKRPDGSRFMPDVDERGELAPRDIVARAIDHEMKQLGADCMFLDISHKPDDF
VRQHFPMIYAKLLDLGMDLTKEPIPVVPAAHYTCGGVVVDDYGRTDVDGLYAIGEVSYTGLHGANRMASNSLLECLVYGW
SAAMDIDRRMPSVHSVDALPAWDESRVENADERVVIQHNWHELRLLMWDYVGIVRTTKRLERALRRITMLQQEIDEYYAN
FRVSNNLLELRNLVQVAELIVRCAMMRKESRGLHFTLDYPQQLAESGPSILSPLTPHINRRGENLYFQSAGHHHHHH
;
_entity_poly.pdbx_strand_id   A
#
# COMPACT_ATOMS: atom_id res chain seq x y z
N MET A 1 -29.51 17.35 -7.13
CA MET A 1 -28.32 17.48 -6.28
C MET A 1 -28.37 16.57 -5.05
N MET A 2 -29.09 16.99 -4.01
CA MET A 2 -29.14 16.20 -2.77
C MET A 2 -30.17 15.08 -2.88
N THR A 3 -29.84 13.93 -2.32
CA THR A 3 -30.72 12.77 -2.44
C THR A 3 -30.49 11.82 -1.27
N THR A 4 -31.45 10.93 -1.08
CA THR A 4 -31.35 9.92 -0.02
C THR A 4 -30.22 8.94 -0.37
N PRO A 5 -29.30 8.68 0.55
CA PRO A 5 -28.18 7.78 0.24
C PRO A 5 -28.66 6.36 -0.01
N GLU A 6 -28.03 5.69 -0.97
CA GLU A 6 -28.36 4.29 -1.23
C GLU A 6 -27.91 3.40 -0.08
N LEU A 7 -26.84 3.78 0.62
CA LEU A 7 -26.26 3.00 1.71
C LEU A 7 -26.05 3.90 2.92
N SER A 8 -26.19 3.32 4.10
CA SER A 8 -25.92 4.04 5.34
C SER A 8 -25.32 3.07 6.34
N CYS A 9 -24.36 3.56 7.13
CA CYS A 9 -23.76 2.76 8.18
C CYS A 9 -23.22 3.70 9.26
N ASP A 10 -22.81 3.10 10.39
CA ASP A 10 -22.10 3.86 11.40
C ASP A 10 -20.63 4.00 11.04
N VAL A 11 -20.02 2.94 10.52
CA VAL A 11 -18.60 2.97 10.17
C VAL A 11 -18.44 2.35 8.80
N LEU A 12 -17.87 3.11 7.86
CA LEU A 12 -17.53 2.59 6.54
C LEU A 12 -16.04 2.26 6.54
N ILE A 13 -15.69 0.99 6.35
CA ILE A 13 -14.30 0.57 6.29
C ILE A 13 -13.96 0.28 4.85
N ILE A 14 -13.02 1.04 4.29
CA ILE A 14 -12.62 0.91 2.89
C ILE A 14 -11.37 0.03 2.85
N GLY A 15 -11.54 -1.20 2.38
CA GLY A 15 -10.43 -2.14 2.32
C GLY A 15 -10.73 -3.38 3.14
N SER A 16 -10.28 -4.54 2.66
CA SER A 16 -10.68 -5.81 3.27
C SER A 16 -9.48 -6.70 3.56
N GLY A 17 -8.33 -6.12 3.85
CA GLY A 17 -7.19 -6.89 4.29
C GLY A 17 -7.27 -7.13 5.78
N ALA A 18 -6.14 -7.54 6.35
CA ALA A 18 -6.12 -7.81 7.79
C ALA A 18 -6.48 -6.58 8.60
N ALA A 19 -6.01 -5.40 8.19
CA ALA A 19 -6.31 -4.18 8.93
C ALA A 19 -7.81 -3.90 8.93
N GLY A 20 -8.42 -3.90 7.74
CA GLY A 20 -9.84 -3.58 7.66
C GLY A 20 -10.72 -4.60 8.39
N LEU A 21 -10.45 -5.89 8.19
CA LEU A 21 -11.33 -6.91 8.74
C LEU A 21 -11.19 -7.00 10.26
N SER A 22 -9.96 -6.88 10.78
CA SER A 22 -9.81 -6.93 12.24
C SER A 22 -10.46 -5.72 12.88
N LEU A 23 -10.33 -4.53 12.28
CA LEU A 23 -11.03 -3.39 12.86
C LEU A 23 -12.55 -3.57 12.76
N ALA A 24 -13.01 -4.18 11.67
CA ALA A 24 -14.44 -4.41 11.49
C ALA A 24 -15.02 -5.26 12.62
N LEU A 25 -14.32 -6.34 12.97
CA LEU A 25 -14.76 -7.17 14.09
C LEU A 25 -14.82 -6.39 15.39
N ARG A 26 -13.84 -5.51 15.64
CA ARG A 26 -13.89 -4.68 16.85
C ARG A 26 -15.11 -3.79 16.87
N LEU A 27 -15.32 -3.02 15.80
CA LEU A 27 -16.38 -2.02 15.82
C LEU A 27 -17.77 -2.64 15.70
N ALA A 28 -17.88 -3.79 15.03
CA ALA A 28 -19.20 -4.36 14.79
C ALA A 28 -19.82 -4.98 16.04
N GLU A 29 -19.03 -5.13 17.10
CA GLU A 29 -19.60 -5.51 18.38
C GLU A 29 -20.68 -4.51 18.80
N LYS A 30 -20.55 -3.24 18.42
CA LYS A 30 -21.48 -2.20 18.84
C LYS A 30 -22.12 -1.40 17.72
N HIS A 31 -21.55 -1.41 16.51
CA HIS A 31 -21.92 -0.47 15.47
C HIS A 31 -22.21 -1.20 14.17
N LYS A 32 -23.01 -0.57 13.30
CA LYS A 32 -23.28 -1.10 11.97
C LYS A 32 -22.12 -0.76 11.04
N VAL A 33 -21.46 -1.78 10.52
CA VAL A 33 -20.23 -1.61 9.77
C VAL A 33 -20.46 -2.07 8.33
N ILE A 34 -19.98 -1.28 7.37
CA ILE A 34 -19.88 -1.73 5.99
C ILE A 34 -18.40 -1.87 5.65
N VAL A 35 -18.02 -3.00 5.07
CA VAL A 35 -16.65 -3.21 4.59
C VAL A 35 -16.69 -3.19 3.06
N LEU A 36 -15.92 -2.30 2.45
N LEU A 36 -15.84 -2.36 2.48
CA LEU A 36 -15.82 -2.27 0.99
CA LEU A 36 -15.70 -2.21 1.05
C LEU A 36 -14.60 -3.08 0.59
C LEU A 36 -14.54 -3.08 0.57
N SER A 37 -14.84 -4.10 -0.23
CA SER A 37 -13.80 -4.96 -0.78
C SER A 37 -13.73 -4.76 -2.28
N LYS A 38 -12.52 -4.53 -2.80
CA LYS A 38 -12.36 -4.30 -4.23
C LYS A 38 -12.65 -5.57 -5.04
N GLY A 39 -12.38 -6.73 -4.48
CA GLY A 39 -12.67 -7.98 -5.16
C GLY A 39 -13.42 -8.94 -4.26
N PRO A 40 -13.25 -10.24 -4.48
CA PRO A 40 -13.71 -11.20 -3.48
C PRO A 40 -12.91 -11.04 -2.20
N VAL A 41 -13.60 -11.20 -1.07
CA VAL A 41 -12.97 -10.96 0.23
C VAL A 41 -11.86 -11.97 0.51
N ASP A 61 11.11 -12.02 22.83
CA ASP A 61 11.89 -10.79 22.97
C ASP A 61 11.11 -9.76 23.79
N SER A 62 11.86 -8.88 24.47
CA SER A 62 11.26 -7.89 25.35
C SER A 62 10.72 -6.71 24.54
N ILE A 63 9.91 -5.89 25.21
CA ILE A 63 9.48 -4.63 24.62
C ILE A 63 10.70 -3.78 24.27
N ALA A 64 11.69 -3.74 25.17
CA ALA A 64 12.86 -2.88 24.96
C ALA A 64 13.64 -3.29 23.73
N SER A 65 13.79 -4.60 23.50
CA SER A 65 14.56 -5.03 22.34
C SER A 65 13.76 -4.87 21.05
N HIS A 66 12.44 -5.05 21.11
CA HIS A 66 11.62 -4.75 19.94
C HIS A 66 11.74 -3.28 19.58
N VAL A 67 11.72 -2.40 20.58
CA VAL A 67 11.83 -0.97 20.31
C VAL A 67 13.18 -0.66 19.68
N GLU A 68 14.26 -1.19 20.25
CA GLU A 68 15.58 -0.90 19.70
C GLU A 68 15.73 -1.47 18.29
N ASP A 69 15.23 -2.69 18.05
CA ASP A 69 15.31 -3.28 16.73
C ASP A 69 14.53 -2.45 15.71
N THR A 70 13.36 -1.96 16.09
CA THR A 70 12.56 -1.13 15.20
C THR A 70 13.27 0.17 14.86
N LEU A 71 13.86 0.82 15.86
CA LEU A 71 14.58 2.07 15.64
C LEU A 71 15.76 1.86 14.71
N ILE A 72 16.50 0.76 14.88
CA ILE A 72 17.63 0.49 14.01
C ILE A 72 17.14 0.27 12.59
N ALA A 73 16.12 -0.57 12.43
CA ALA A 73 15.56 -0.83 11.10
C ALA A 73 15.11 0.46 10.43
N GLY A 74 14.53 1.38 11.18
CA GLY A 74 14.04 2.62 10.63
C GLY A 74 15.11 3.63 10.28
N ALA A 75 16.38 3.29 10.50
CA ALA A 75 17.53 4.09 10.09
C ALA A 75 17.50 5.49 10.67
N GLY A 76 16.95 5.63 11.88
CA GLY A 76 17.12 6.84 12.66
C GLY A 76 16.02 7.88 12.54
N ILE A 77 14.94 7.61 11.79
CA ILE A 77 13.88 8.61 11.69
C ILE A 77 12.54 8.07 12.16
N CYS A 78 12.53 6.91 12.83
CA CYS A 78 11.30 6.48 13.50
C CYS A 78 10.84 7.57 14.46
N ASP A 79 9.52 7.69 14.59
CA ASP A 79 8.93 8.41 15.71
C ASP A 79 8.94 7.49 16.91
N ARG A 80 9.79 7.80 17.90
CA ARG A 80 9.95 6.91 19.04
C ARG A 80 8.65 6.73 19.81
N HIS A 81 7.83 7.79 19.89
CA HIS A 81 6.53 7.70 20.54
C HIS A 81 5.68 6.60 19.92
N ALA A 82 5.62 6.57 18.59
CA ALA A 82 4.82 5.56 17.91
C ALA A 82 5.43 4.16 18.08
N VAL A 83 6.76 4.07 18.07
CA VAL A 83 7.43 2.78 18.25
C VAL A 83 7.10 2.20 19.62
N GLU A 84 7.21 3.03 20.67
CA GLU A 84 6.91 2.56 22.02
C GLU A 84 5.44 2.22 22.16
N PHE A 85 4.56 2.99 21.50
CA PHE A 85 3.12 2.73 21.52
C PHE A 85 2.82 1.33 20.98
N VAL A 86 3.38 1.02 19.81
CA VAL A 86 3.12 -0.28 19.21
C VAL A 86 3.77 -1.40 20.01
N ALA A 87 5.03 -1.23 20.44
CA ALA A 87 5.71 -2.32 21.14
C ALA A 87 5.03 -2.62 22.48
N SER A 88 4.56 -1.59 23.18
CA SER A 88 3.94 -1.82 24.49
C SER A 88 2.61 -2.55 24.37
N ASN A 89 1.86 -2.27 23.33
CA ASN A 89 0.52 -2.83 23.18
C ASN A 89 0.48 -4.04 22.26
N ALA A 90 1.61 -4.47 21.72
CA ALA A 90 1.64 -5.55 20.73
C ALA A 90 1.06 -6.84 21.28
N ARG A 91 1.54 -7.28 22.45
CA ARG A 91 1.13 -8.58 22.94
C ARG A 91 -0.37 -8.66 23.20
N THR A 92 -0.95 -7.63 23.84
CA THR A 92 -2.39 -7.69 24.12
C THR A 92 -3.23 -7.63 22.84
N CYS A 93 -2.76 -6.89 21.83
CA CYS A 93 -3.51 -6.82 20.57
C CYS A 93 -3.38 -8.11 19.78
N VAL A 94 -2.23 -8.79 19.87
CA VAL A 94 -2.12 -10.10 19.23
C VAL A 94 -2.96 -11.13 19.95
N GLN A 95 -3.02 -11.05 21.28
CA GLN A 95 -3.89 -11.97 22.01
C GLN A 95 -5.35 -11.77 21.59
N TRP A 96 -5.76 -10.52 21.39
CA TRP A 96 -7.12 -10.25 20.90
C TRP A 96 -7.36 -10.94 19.57
N LEU A 97 -6.38 -10.87 18.67
CA LEU A 97 -6.52 -11.50 17.35
C LEU A 97 -6.66 -13.02 17.48
N ILE A 98 -5.83 -13.63 18.32
CA ILE A 98 -5.93 -15.06 18.58
C ILE A 98 -7.33 -15.40 19.11
N ASP A 99 -7.84 -14.59 20.04
CA ASP A 99 -9.14 -14.88 20.63
C ASP A 99 -10.30 -14.68 19.65
N GLN A 100 -10.07 -14.00 18.53
CA GLN A 100 -11.05 -13.94 17.46
C GLN A 100 -11.19 -15.26 16.73
N GLY A 101 -10.31 -16.22 17.02
CA GLY A 101 -10.47 -17.57 16.52
C GLY A 101 -9.38 -18.04 15.58
N VAL A 102 -8.19 -17.46 15.69
CA VAL A 102 -7.07 -17.88 14.86
C VAL A 102 -6.44 -19.15 15.41
N LYS A 138 -1.03 -17.34 6.01
CA LYS A 138 -2.16 -16.40 6.02
C LYS A 138 -3.42 -17.09 6.54
N GLU A 139 -3.23 -18.03 7.48
CA GLU A 139 -4.34 -18.59 8.23
C GLU A 139 -5.00 -17.55 9.13
N VAL A 140 -4.39 -16.38 9.28
CA VAL A 140 -5.07 -15.24 9.88
C VAL A 140 -6.17 -14.73 8.96
N GLU A 141 -5.89 -14.67 7.65
CA GLU A 141 -6.89 -14.21 6.69
C GLU A 141 -8.10 -15.15 6.64
N THR A 142 -7.86 -16.46 6.76
CA THR A 142 -8.96 -17.41 6.73
C THR A 142 -9.93 -17.16 7.87
N THR A 143 -9.39 -16.92 9.07
CA THR A 143 -10.25 -16.62 10.21
C THR A 143 -10.93 -15.27 10.03
N LEU A 144 -10.16 -14.24 9.67
CA LEU A 144 -10.75 -12.91 9.58
C LEU A 144 -11.82 -12.84 8.50
N VAL A 145 -11.59 -13.49 7.35
CA VAL A 145 -12.57 -13.45 6.27
C VAL A 145 -13.84 -14.17 6.69
N SER A 146 -13.69 -15.37 7.26
N SER A 146 -13.70 -15.36 7.30
CA SER A 146 -14.85 -16.13 7.71
CA SER A 146 -14.87 -16.12 7.70
C SER A 146 -15.65 -15.35 8.75
C SER A 146 -15.66 -15.40 8.79
N ARG A 147 -14.96 -14.79 9.75
CA ARG A 147 -15.65 -14.02 10.80
C ARG A 147 -16.36 -12.81 10.20
N ALA A 148 -15.69 -12.08 9.30
CA ALA A 148 -16.29 -10.86 8.79
C ALA A 148 -17.53 -11.15 7.94
N GLN A 149 -17.56 -12.28 7.23
CA GLN A 149 -18.68 -12.66 6.39
C GLN A 149 -19.82 -13.29 7.18
N ASN A 150 -19.63 -13.50 8.48
CA ASN A 150 -20.64 -14.15 9.32
C ASN A 150 -20.90 -13.33 10.57
N HIS A 151 -20.80 -12.01 10.46
CA HIS A 151 -21.06 -11.10 11.57
C HIS A 151 -22.36 -10.36 11.30
N PRO A 152 -23.32 -10.43 12.21
CA PRO A 152 -24.61 -9.77 12.00
C PRO A 152 -24.51 -8.28 11.74
N ASN A 153 -23.48 -7.61 12.27
CA ASN A 153 -23.34 -6.16 12.13
C ASN A 153 -22.33 -5.75 11.08
N ILE A 154 -21.87 -6.67 10.23
CA ILE A 154 -20.96 -6.34 9.13
C ILE A 154 -21.65 -6.66 7.82
N GLN A 155 -21.69 -5.69 6.92
CA GLN A 155 -22.11 -5.93 5.55
C GLN A 155 -20.86 -5.83 4.69
N VAL A 156 -20.48 -6.93 4.05
CA VAL A 156 -19.32 -6.92 3.15
C VAL A 156 -19.82 -6.63 1.75
N LEU A 157 -19.36 -5.54 1.16
CA LEU A 157 -19.71 -5.20 -0.20
C LEU A 157 -18.51 -5.52 -1.09
N GLU A 158 -18.67 -6.51 -1.96
CA GLU A 158 -17.57 -6.90 -2.83
C GLU A 158 -17.68 -6.17 -4.17
N ARG A 159 -16.59 -6.22 -4.93
CA ARG A 159 -16.52 -5.57 -6.24
C ARG A 159 -17.10 -4.16 -6.20
N SER A 160 -16.69 -3.39 -5.18
CA SER A 160 -17.10 -2.01 -5.06
C SER A 160 -15.87 -1.17 -4.77
N ASN A 161 -15.75 -0.05 -5.48
CA ASN A 161 -14.57 0.81 -5.40
C ASN A 161 -14.99 2.17 -4.89
N ALA A 162 -14.40 2.62 -3.79
CA ALA A 162 -14.62 3.98 -3.33
C ALA A 162 -14.11 4.96 -4.36
N VAL A 163 -14.91 5.98 -4.64
CA VAL A 163 -14.53 7.01 -5.59
C VAL A 163 -13.89 8.20 -4.88
N ASP A 164 -14.56 8.74 -3.87
CA ASP A 164 -14.05 9.90 -3.15
C ASP A 164 -14.85 10.03 -1.87
N LEU A 165 -14.29 10.80 -0.93
CA LEU A 165 -14.93 11.03 0.36
C LEU A 165 -15.84 12.25 0.29
N ILE A 166 -16.99 12.18 0.95
CA ILE A 166 -17.95 13.30 0.97
C ILE A 166 -17.67 14.10 2.23
N ILE A 167 -17.36 15.40 2.07
CA ILE A 167 -16.94 16.24 3.20
C ILE A 167 -18.07 17.20 3.53
N SER A 168 -18.29 17.42 4.83
CA SER A 168 -19.48 18.15 5.29
C SER A 168 -19.53 19.57 4.77
N ASP A 169 -18.39 20.24 4.67
CA ASP A 169 -18.42 21.65 4.29
C ASP A 169 -18.77 21.86 2.81
N LYS A 170 -18.73 20.81 2.00
CA LYS A 170 -19.16 20.91 0.61
C LYS A 170 -20.67 20.79 0.45
N MET A 171 -21.42 20.54 1.53
CA MET A 171 -22.87 20.52 1.46
C MET A 171 -23.51 21.46 2.47
N GLY A 172 -22.77 22.46 2.96
CA GLY A 172 -23.35 23.44 3.84
C GLY A 172 -23.70 22.94 5.22
N LEU A 173 -23.15 21.79 5.63
CA LEU A 173 -23.34 21.35 6.99
C LEU A 173 -22.53 22.23 7.94
N PRO A 174 -23.11 22.62 9.07
CA PRO A 174 -22.38 23.49 10.01
C PRO A 174 -21.29 22.70 10.73
N GLY A 175 -20.37 23.45 11.34
CA GLY A 175 -19.34 22.87 12.17
C GLY A 175 -18.07 22.60 11.41
N PRO A 176 -17.03 22.19 12.13
CA PRO A 176 -15.76 21.86 11.48
C PRO A 176 -15.94 20.73 10.47
N ARG A 177 -15.16 20.79 9.41
CA ARG A 177 -15.35 19.86 8.31
C ARG A 177 -15.02 18.45 8.76
N ARG A 178 -15.83 17.51 8.30
CA ARG A 178 -15.72 16.12 8.69
C ARG A 178 -16.21 15.27 7.53
N VAL A 179 -15.74 14.04 7.47
CA VAL A 179 -16.24 13.13 6.45
C VAL A 179 -17.63 12.67 6.89
N VAL A 180 -18.55 12.60 5.92
CA VAL A 180 -19.91 12.15 6.18
C VAL A 180 -20.30 10.98 5.32
N GLY A 181 -19.38 10.44 4.53
CA GLY A 181 -19.74 9.34 3.65
C GLY A 181 -18.76 9.25 2.49
N ALA A 182 -19.16 8.52 1.47
CA ALA A 182 -18.31 8.33 0.31
C ALA A 182 -19.18 7.99 -0.89
N TRP A 183 -18.70 8.38 -2.07
CA TRP A 183 -19.25 7.87 -3.31
C TRP A 183 -18.56 6.56 -3.65
N ILE A 184 -19.35 5.59 -4.10
CA ILE A 184 -18.88 4.22 -4.29
C ILE A 184 -19.30 3.75 -5.66
N TRP A 185 -18.34 3.25 -6.44
N TRP A 185 -18.34 3.21 -6.41
CA TRP A 185 -18.65 2.71 -7.76
CA TRP A 185 -18.57 2.66 -7.74
C TRP A 185 -18.94 1.22 -7.61
C TRP A 185 -18.93 1.19 -7.59
N ASN A 186 -20.18 0.84 -7.91
CA ASN A 186 -20.62 -0.55 -7.85
C ASN A 186 -20.31 -1.17 -9.21
N ARG A 187 -19.32 -2.07 -9.25
CA ARG A 187 -18.85 -2.59 -10.53
C ARG A 187 -19.89 -3.44 -11.22
N ASN A 188 -20.70 -4.18 -10.47
CA ASN A 188 -21.72 -5.02 -11.10
C ASN A 188 -22.87 -4.19 -11.66
N LYS A 189 -23.17 -3.05 -11.04
CA LYS A 189 -24.26 -2.20 -11.52
C LYS A 189 -23.77 -1.06 -12.39
N GLU A 190 -22.46 -0.78 -12.40
CA GLU A 190 -21.87 0.28 -13.20
C GLU A 190 -22.58 1.62 -12.96
N TRP A 191 -22.75 1.96 -11.68
CA TRP A 191 -23.23 3.29 -11.32
C TRP A 191 -22.59 3.70 -10.01
N VAL A 192 -22.61 5.00 -9.73
CA VAL A 192 -22.00 5.53 -8.52
C VAL A 192 -23.10 5.70 -7.48
N GLU A 193 -22.92 5.05 -6.34
CA GLU A 193 -23.85 5.16 -5.21
C GLU A 193 -23.24 6.04 -4.14
N THR A 194 -24.10 6.52 -3.26
N THR A 194 -24.10 6.58 -3.28
CA THR A 194 -23.73 7.34 -2.12
CA THR A 194 -23.67 7.34 -2.12
C THR A 194 -23.90 6.53 -0.84
C THR A 194 -23.86 6.51 -0.87
N CYS A 195 -22.89 6.53 0.02
CA CYS A 195 -22.94 5.83 1.29
C CYS A 195 -22.78 6.88 2.38
N HIS A 196 -23.80 7.01 3.22
CA HIS A 196 -23.69 7.83 4.42
C HIS A 196 -22.96 7.06 5.51
N ALA A 197 -22.04 7.73 6.20
CA ALA A 197 -21.28 7.09 7.27
C ALA A 197 -20.95 8.11 8.36
N LYS A 198 -21.05 7.69 9.62
CA LYS A 198 -20.70 8.57 10.72
C LYS A 198 -19.19 8.66 10.91
N SER A 199 -18.46 7.61 10.55
N SER A 199 -18.46 7.63 10.50
CA SER A 199 -17.01 7.63 10.49
CA SER A 199 -17.02 7.61 10.47
C SER A 199 -16.58 6.78 9.29
C SER A 199 -16.57 6.76 9.29
N VAL A 200 -15.41 7.09 8.74
CA VAL A 200 -14.86 6.36 7.60
C VAL A 200 -13.43 5.98 7.95
N VAL A 201 -13.06 4.72 7.69
CA VAL A 201 -11.71 4.23 7.97
C VAL A 201 -11.08 3.80 6.66
N LEU A 202 -9.93 4.38 6.34
CA LEU A 202 -9.17 3.94 5.20
C LEU A 202 -8.29 2.77 5.63
N ALA A 203 -8.43 1.64 4.94
CA ALA A 203 -7.69 0.42 5.22
C ALA A 203 -7.34 -0.26 3.89
N THR A 204 -6.98 0.56 2.91
CA THR A 204 -6.88 0.15 1.52
C THR A 204 -5.53 -0.45 1.13
N GLY A 205 -4.57 -0.55 2.05
CA GLY A 205 -3.25 -1.00 1.67
C GLY A 205 -2.34 0.10 1.16
N GLY A 206 -1.26 -0.31 0.49
CA GLY A 206 -0.22 0.61 0.08
C GLY A 206 -0.38 1.09 -1.35
N ALA A 207 0.74 1.52 -1.92
CA ALA A 207 0.77 2.15 -3.23
C ALA A 207 1.72 1.45 -4.19
N SER A 208 2.08 0.20 -3.92
CA SER A 208 3.07 -0.50 -4.75
C SER A 208 2.66 -0.61 -6.20
N LYS A 209 1.36 -0.55 -6.50
CA LYS A 209 0.96 -0.67 -7.91
C LYS A 209 1.37 0.53 -8.78
N VAL A 210 1.88 1.64 -8.21
CA VAL A 210 2.44 2.67 -9.08
C VAL A 210 3.65 2.15 -9.85
N TYR A 211 4.24 1.04 -9.43
CA TYR A 211 5.40 0.45 -10.06
C TYR A 211 4.98 -0.69 -10.99
N GLN A 212 5.73 -0.88 -12.08
CA GLN A 212 5.29 -1.86 -13.08
C GLN A 212 5.37 -3.30 -12.56
N TYR A 213 6.26 -3.59 -11.62
CA TYR A 213 6.31 -4.90 -10.98
C TYR A 213 5.91 -4.76 -9.52
N THR A 214 4.93 -5.56 -9.11
N THR A 214 4.99 -5.63 -9.07
CA THR A 214 4.46 -5.56 -7.73
CA THR A 214 4.39 -5.50 -7.75
C THR A 214 4.34 -6.99 -7.24
C THR A 214 4.02 -6.89 -7.22
N THR A 215 4.28 -7.14 -5.92
CA THR A 215 4.01 -8.46 -5.36
C THR A 215 2.53 -8.71 -5.10
N ASN A 216 1.75 -7.67 -4.86
CA ASN A 216 0.33 -7.82 -4.51
C ASN A 216 -0.47 -6.72 -5.18
N PRO A 217 -0.75 -6.86 -6.48
CA PRO A 217 -1.37 -5.75 -7.22
C PRO A 217 -2.78 -5.42 -6.74
N ASP A 218 -3.56 -6.42 -6.31
CA ASP A 218 -4.97 -6.18 -6.03
C ASP A 218 -5.21 -5.35 -4.78
N ILE A 219 -4.19 -5.07 -3.98
CA ILE A 219 -4.37 -4.33 -2.74
C ILE A 219 -3.42 -3.15 -2.67
N SER A 220 -2.92 -2.69 -3.81
CA SER A 220 -1.85 -1.69 -3.76
C SER A 220 -2.08 -0.53 -4.73
N SER A 221 -3.35 -0.20 -5.02
CA SER A 221 -3.65 0.85 -6.01
C SER A 221 -3.51 2.26 -5.46
N GLY A 222 -3.27 2.42 -4.16
CA GLY A 222 -3.13 3.75 -3.59
C GLY A 222 -4.41 4.54 -3.46
N ASP A 223 -5.58 3.91 -3.59
CA ASP A 223 -6.82 4.69 -3.60
C ASP A 223 -7.06 5.39 -2.26
N GLY A 224 -6.73 4.74 -1.13
CA GLY A 224 -6.90 5.41 0.17
C GLY A 224 -6.02 6.63 0.32
N ILE A 225 -4.76 6.53 -0.13
CA ILE A 225 -3.85 7.66 -0.05
C ILE A 225 -4.35 8.82 -0.89
N ALA A 226 -4.77 8.53 -2.14
CA ALA A 226 -5.24 9.58 -3.03
C ALA A 226 -6.52 10.23 -2.51
N MET A 227 -7.47 9.43 -2.02
CA MET A 227 -8.72 9.99 -1.52
C MET A 227 -8.46 10.88 -0.30
N ALA A 228 -7.56 10.46 0.57
CA ALA A 228 -7.27 11.28 1.76
C ALA A 228 -6.59 12.59 1.36
N TRP A 229 -5.65 12.52 0.42
CA TRP A 229 -5.02 13.72 -0.10
C TRP A 229 -6.06 14.69 -0.68
N ARG A 230 -6.99 14.17 -1.48
CA ARG A 230 -8.01 15.01 -2.08
C ARG A 230 -8.95 15.59 -1.02
N ALA A 231 -9.11 14.90 0.11
CA ALA A 231 -9.96 15.39 1.18
C ALA A 231 -9.23 16.37 2.10
N GLY A 232 -7.94 16.58 1.89
CA GLY A 232 -7.18 17.55 2.64
C GLY A 232 -6.23 17.00 3.69
N CYS A 233 -5.85 15.72 3.60
CA CYS A 233 -4.96 15.11 4.59
C CYS A 233 -3.50 15.22 4.18
N ARG A 234 -2.62 15.45 5.16
CA ARG A 234 -1.19 15.31 4.93
C ARG A 234 -0.84 13.83 4.69
N VAL A 235 0.23 13.63 3.93
CA VAL A 235 0.86 12.33 3.68
C VAL A 235 2.35 12.50 3.99
N ALA A 236 3.02 11.37 4.18
CA ALA A 236 4.43 11.45 4.57
C ALA A 236 5.17 10.19 4.15
N ASN A 237 6.49 10.35 3.94
CA ASN A 237 7.42 9.24 3.83
C ASN A 237 7.12 8.31 2.66
N LEU A 238 6.55 8.87 1.59
CA LEU A 238 6.16 8.06 0.43
C LEU A 238 7.35 7.74 -0.46
N GLU A 239 8.55 8.22 -0.12
CA GLU A 239 9.74 7.73 -0.82
C GLU A 239 10.26 6.41 -0.26
N PHE A 240 9.71 5.91 0.84
CA PHE A 240 10.27 4.71 1.47
C PHE A 240 9.47 3.50 1.05
N ASN A 241 9.79 2.98 -0.13
CA ASN A 241 9.06 1.87 -0.74
C ASN A 241 9.95 0.63 -0.77
N GLN A 242 9.48 -0.45 -0.15
CA GLN A 242 10.26 -1.67 -0.05
C GLN A 242 10.04 -2.52 -1.30
N PHE A 243 11.14 -3.00 -1.87
CA PHE A 243 11.11 -3.87 -3.04
C PHE A 243 11.53 -5.26 -2.64
N HIS A 244 10.79 -6.27 -3.10
CA HIS A 244 11.25 -7.64 -2.95
C HIS A 244 12.27 -7.92 -4.04
N PRO A 245 13.43 -8.51 -3.71
CA PRO A 245 14.49 -8.64 -4.72
C PRO A 245 14.18 -9.61 -5.85
N THR A 246 13.49 -10.73 -5.58
CA THR A 246 13.41 -11.83 -6.54
C THR A 246 11.97 -12.31 -6.69
N ALA A 247 11.20 -11.61 -7.51
CA ALA A 247 9.90 -12.07 -7.94
C ALA A 247 10.04 -12.80 -9.27
N LEU A 248 9.25 -13.86 -9.45
CA LEU A 248 9.30 -14.63 -10.68
C LEU A 248 8.92 -13.76 -11.86
N TYR A 249 9.73 -13.80 -12.92
CA TYR A 249 9.47 -13.05 -14.14
C TYR A 249 9.00 -14.04 -15.20
N HIS A 250 7.68 -14.12 -15.38
CA HIS A 250 7.08 -15.12 -16.26
C HIS A 250 5.66 -14.68 -16.57
N PRO A 251 5.17 -14.89 -17.80
CA PRO A 251 3.83 -14.37 -18.15
C PRO A 251 2.71 -14.91 -17.29
N GLN A 252 2.85 -16.12 -16.74
CA GLN A 252 1.85 -16.71 -15.85
C GLN A 252 2.37 -16.82 -14.42
N ALA A 253 3.26 -15.90 -14.01
CA ALA A 253 3.83 -15.96 -12.67
C ALA A 253 2.81 -15.63 -11.59
N ARG A 254 1.85 -14.76 -11.89
CA ARG A 254 0.85 -14.33 -10.92
C ARG A 254 1.51 -13.83 -9.63
N ASN A 255 2.55 -13.01 -9.80
CA ASN A 255 3.27 -12.36 -8.69
C ASN A 255 3.91 -13.38 -7.75
N PHE A 256 4.30 -14.54 -8.27
CA PHE A 256 4.98 -15.54 -7.46
C PHE A 256 6.33 -15.02 -6.99
N LEU A 257 6.65 -15.27 -5.72
CA LEU A 257 7.87 -14.77 -5.11
C LEU A 257 8.83 -15.93 -4.85
N LEU A 258 10.10 -15.72 -5.20
CA LEU A 258 11.17 -16.62 -4.81
C LEU A 258 11.75 -16.13 -3.49
N THR A 259 11.68 -16.98 -2.46
CA THR A 259 12.08 -16.55 -1.13
C THR A 259 13.58 -16.37 -1.04
N GLU A 260 14.01 -15.52 -0.11
CA GLU A 260 15.44 -15.38 0.15
C GLU A 260 16.05 -16.67 0.69
N ALA A 261 15.22 -17.63 1.13
CA ALA A 261 15.75 -18.91 1.59
C ALA A 261 16.52 -19.63 0.49
N LEU A 262 16.17 -19.39 -0.78
CA LEU A 262 16.89 -20.03 -1.88
C LEU A 262 18.35 -19.60 -1.89
N ARG A 263 18.60 -18.29 -1.74
CA ARG A 263 19.97 -17.81 -1.64
C ARG A 263 20.63 -18.23 -0.33
N GLY A 264 19.84 -18.28 0.75
CA GLY A 264 20.37 -18.78 2.01
C GLY A 264 20.92 -20.19 1.90
N GLU A 265 20.35 -21.02 1.02
CA GLU A 265 20.83 -22.37 0.80
C GLU A 265 21.81 -22.45 -0.37
N GLY A 266 22.27 -21.33 -0.89
CA GLY A 266 23.34 -21.30 -1.86
C GLY A 266 22.97 -21.00 -3.31
N ALA A 267 21.80 -20.44 -3.57
CA ALA A 267 21.44 -20.09 -4.95
C ALA A 267 22.29 -18.92 -5.44
N TYR A 268 22.65 -18.95 -6.71
CA TYR A 268 23.41 -17.88 -7.33
C TYR A 268 22.47 -16.92 -8.05
N LEU A 269 22.89 -15.66 -8.15
CA LEU A 269 22.20 -14.65 -8.95
C LEU A 269 23.05 -14.38 -10.17
N LYS A 270 22.47 -14.60 -11.35
CA LYS A 270 23.23 -14.61 -12.60
C LYS A 270 22.72 -13.54 -13.56
N ARG A 271 23.67 -12.94 -14.28
CA ARG A 271 23.36 -12.13 -15.44
C ARG A 271 22.81 -13.02 -16.54
N PRO A 272 22.17 -12.44 -17.56
CA PRO A 272 21.77 -13.25 -18.73
C PRO A 272 22.89 -14.09 -19.30
N ASP A 273 24.13 -13.60 -19.26
CA ASP A 273 25.24 -14.37 -19.84
C ASP A 273 25.79 -15.43 -18.90
N GLY A 274 25.20 -15.61 -17.72
CA GLY A 274 25.59 -16.66 -16.81
C GLY A 274 26.50 -16.24 -15.67
N SER A 275 27.08 -15.05 -15.75
CA SER A 275 28.03 -14.62 -14.72
C SER A 275 27.32 -14.11 -13.48
N ARG A 276 28.00 -14.23 -12.34
CA ARG A 276 27.45 -13.80 -11.05
C ARG A 276 27.87 -12.36 -10.76
N PHE A 277 26.90 -11.51 -10.44
CA PHE A 277 27.16 -10.10 -10.24
C PHE A 277 27.26 -9.68 -8.78
N MET A 278 26.67 -10.44 -7.86
CA MET A 278 26.67 -10.01 -6.46
C MET A 278 28.07 -9.92 -5.84
N PRO A 279 28.98 -10.88 -6.04
CA PRO A 279 30.32 -10.72 -5.45
C PRO A 279 31.04 -9.47 -5.93
N ASP A 280 30.72 -9.00 -7.14
CA ASP A 280 31.35 -7.80 -7.67
C ASP A 280 30.95 -6.54 -6.90
N VAL A 281 29.84 -6.56 -6.19
CA VAL A 281 29.34 -5.37 -5.52
C VAL A 281 29.26 -5.51 -4.00
N ASP A 282 29.31 -6.73 -3.45
CA ASP A 282 29.22 -6.90 -2.01
C ASP A 282 29.91 -8.19 -1.62
N GLU A 283 30.76 -8.13 -0.60
CA GLU A 283 31.53 -9.28 -0.18
C GLU A 283 30.65 -10.44 0.28
N ARG A 284 29.43 -10.17 0.71
CA ARG A 284 28.50 -11.20 1.12
C ARG A 284 27.79 -11.88 -0.05
N GLY A 285 28.01 -11.41 -1.27
CA GLY A 285 27.42 -12.07 -2.44
C GLY A 285 25.91 -12.12 -2.36
N GLU A 286 25.35 -13.27 -2.73
CA GLU A 286 23.91 -13.48 -2.67
C GLU A 286 23.35 -13.42 -1.25
N LEU A 287 24.20 -13.38 -0.23
CA LEU A 287 23.76 -13.30 1.15
C LEU A 287 23.68 -11.87 1.67
N ALA A 288 23.90 -10.88 0.80
CA ALA A 288 23.79 -9.49 1.20
C ALA A 288 22.37 -9.17 1.65
N PRO A 289 22.18 -8.10 2.43
CA PRO A 289 20.84 -7.70 2.83
C PRO A 289 19.92 -7.45 1.64
N ARG A 290 18.61 -7.60 1.89
CA ARG A 290 17.60 -7.54 0.84
C ARG A 290 17.73 -6.29 -0.02
N ASP A 291 17.84 -5.12 0.59
CA ASP A 291 17.86 -3.89 -0.20
C ASP A 291 19.11 -3.80 -1.06
N ILE A 292 20.23 -4.37 -0.61
CA ILE A 292 21.45 -4.35 -1.41
C ILE A 292 21.30 -5.27 -2.61
N VAL A 293 20.67 -6.44 -2.42
CA VAL A 293 20.40 -7.34 -3.54
C VAL A 293 19.49 -6.66 -4.56
N ALA A 294 18.42 -6.01 -4.08
CA ALA A 294 17.49 -5.35 -5.00
C ALA A 294 18.18 -4.27 -5.82
N ARG A 295 19.02 -3.44 -5.18
CA ARG A 295 19.73 -2.39 -5.91
C ARG A 295 20.65 -2.97 -6.96
N ALA A 296 21.32 -4.08 -6.63
CA ALA A 296 22.25 -4.68 -7.58
C ALA A 296 21.50 -5.23 -8.80
N ILE A 297 20.35 -5.86 -8.56
CA ILE A 297 19.57 -6.37 -9.68
C ILE A 297 19.06 -5.23 -10.54
N ASP A 298 18.55 -4.16 -9.92
CA ASP A 298 18.11 -2.98 -10.65
C ASP A 298 19.23 -2.42 -11.50
N HIS A 299 20.42 -2.28 -10.93
CA HIS A 299 21.57 -1.78 -11.69
C HIS A 299 21.84 -2.65 -12.92
N GLU A 300 21.94 -3.96 -12.72
CA GLU A 300 22.27 -4.84 -13.84
C GLU A 300 21.20 -4.79 -14.93
N MET A 301 19.92 -4.83 -14.53
CA MET A 301 18.85 -4.78 -15.53
C MET A 301 18.92 -3.49 -16.36
N LYS A 302 19.00 -2.34 -15.69
CA LYS A 302 19.00 -1.07 -16.41
C LYS A 302 20.29 -0.88 -17.20
N GLN A 303 21.44 -1.20 -16.60
CA GLN A 303 22.70 -1.06 -17.30
C GLN A 303 22.75 -1.92 -18.55
N LEU A 304 22.33 -3.18 -18.43
CA LEU A 304 22.44 -4.11 -19.54
C LEU A 304 21.23 -4.07 -20.48
N GLY A 305 20.20 -3.31 -20.15
CA GLY A 305 18.95 -3.41 -20.90
C GLY A 305 18.40 -4.81 -20.91
N ALA A 306 18.45 -5.50 -19.77
CA ALA A 306 18.00 -6.88 -19.68
C ALA A 306 16.63 -6.93 -19.03
N ASP A 307 15.77 -7.83 -19.52
CA ASP A 307 14.41 -7.94 -19.01
C ASP A 307 14.40 -8.50 -17.59
N CYS A 308 15.38 -9.29 -17.22
CA CYS A 308 15.38 -9.93 -15.92
C CYS A 308 16.79 -10.43 -15.61
N MET A 309 17.02 -10.72 -14.34
CA MET A 309 18.16 -11.51 -13.92
C MET A 309 17.69 -12.95 -13.72
N PHE A 310 18.56 -13.79 -13.17
CA PHE A 310 18.24 -15.20 -13.02
C PHE A 310 18.69 -15.71 -11.66
N LEU A 311 17.87 -16.58 -11.08
CA LEU A 311 18.17 -17.26 -9.82
C LEU A 311 18.36 -18.74 -10.12
N ASP A 312 19.49 -19.31 -9.67
CA ASP A 312 19.88 -20.66 -10.08
C ASP A 312 20.46 -21.43 -8.90
N ILE A 313 19.82 -22.55 -8.54
CA ILE A 313 20.35 -23.50 -7.58
C ILE A 313 20.77 -24.80 -8.25
N SER A 314 20.87 -24.83 -9.58
CA SER A 314 21.09 -26.08 -10.29
C SER A 314 22.42 -26.73 -9.93
N HIS A 315 23.37 -25.97 -9.42
CA HIS A 315 24.66 -26.55 -9.02
C HIS A 315 24.54 -27.42 -7.79
N LYS A 316 23.47 -27.27 -6.99
CA LYS A 316 23.22 -28.14 -5.86
C LYS A 316 22.63 -29.46 -6.35
N PRO A 317 22.82 -30.55 -5.59
CA PRO A 317 22.22 -31.83 -6.01
C PRO A 317 20.71 -31.76 -6.03
N ASP A 318 20.10 -32.61 -6.85
CA ASP A 318 18.67 -32.51 -7.11
C ASP A 318 17.86 -32.85 -5.86
N ASP A 319 18.31 -33.82 -5.06
CA ASP A 319 17.60 -34.15 -3.83
C ASP A 319 17.63 -33.01 -2.84
N PHE A 320 18.78 -32.31 -2.74
CA PHE A 320 18.87 -31.14 -1.89
C PHE A 320 17.82 -30.09 -2.27
N VAL A 321 17.59 -29.92 -3.58
CA VAL A 321 16.66 -28.89 -4.03
C VAL A 321 15.22 -29.30 -3.75
N ARG A 322 14.86 -30.54 -4.11
CA ARG A 322 13.49 -30.99 -3.90
C ARG A 322 13.14 -31.06 -2.41
N GLN A 323 14.12 -31.42 -1.57
CA GLN A 323 13.86 -31.56 -0.14
C GLN A 323 13.57 -30.21 0.50
N HIS A 324 14.41 -29.21 0.23
CA HIS A 324 14.30 -27.95 0.96
C HIS A 324 13.20 -27.06 0.43
N PHE A 325 12.92 -27.10 -0.88
CA PHE A 325 11.90 -26.24 -1.50
C PHE A 325 10.96 -27.09 -2.35
N PRO A 326 10.13 -27.93 -1.70
CA PRO A 326 9.20 -28.74 -2.50
C PRO A 326 8.12 -27.91 -3.18
N MET A 327 7.57 -26.90 -2.48
CA MET A 327 6.50 -26.11 -3.06
C MET A 327 7.01 -25.24 -4.21
N ILE A 328 8.20 -24.66 -4.06
CA ILE A 328 8.77 -23.84 -5.13
C ILE A 328 9.08 -24.71 -6.35
N TYR A 329 9.67 -25.87 -6.12
CA TYR A 329 9.95 -26.80 -7.21
C TYR A 329 8.67 -27.24 -7.91
N ALA A 330 7.59 -27.41 -7.14
CA ALA A 330 6.33 -27.86 -7.72
C ALA A 330 5.69 -26.77 -8.58
N LYS A 331 5.70 -25.52 -8.10
CA LYS A 331 5.07 -24.44 -8.85
C LYS A 331 5.80 -24.14 -10.15
N LEU A 332 7.13 -24.28 -10.17
CA LEU A 332 7.91 -23.88 -11.33
C LEU A 332 7.84 -24.92 -12.44
N LEU A 333 7.84 -26.21 -12.11
CA LEU A 333 7.67 -27.21 -13.17
C LEU A 333 6.30 -27.11 -13.82
N ASP A 334 5.29 -26.68 -13.05
CA ASP A 334 3.96 -26.47 -13.61
C ASP A 334 3.95 -25.36 -14.64
N LEU A 335 4.90 -24.42 -14.56
CA LEU A 335 5.05 -23.35 -15.53
C LEU A 335 6.16 -23.63 -16.54
N GLY A 336 6.72 -24.84 -16.53
CA GLY A 336 7.72 -25.20 -17.51
C GLY A 336 9.14 -24.88 -17.14
N MET A 337 9.48 -24.85 -15.84
CA MET A 337 10.81 -24.51 -15.39
C MET A 337 11.28 -25.53 -14.35
N ASP A 338 12.49 -26.04 -14.54
CA ASP A 338 13.05 -27.08 -13.68
C ASP A 338 14.05 -26.44 -12.72
N LEU A 339 13.70 -26.39 -11.44
CA LEU A 339 14.56 -25.77 -10.44
C LEU A 339 15.89 -26.49 -10.27
N THR A 340 15.98 -27.74 -10.71
CA THR A 340 17.20 -28.53 -10.52
C THR A 340 18.14 -28.49 -11.71
N LYS A 341 17.83 -27.72 -12.76
CA LYS A 341 18.67 -27.73 -13.95
C LYS A 341 18.93 -26.33 -14.51
N GLU A 342 17.91 -25.47 -14.50
CA GLU A 342 18.01 -24.23 -15.25
C GLU A 342 17.83 -23.01 -14.34
N PRO A 343 18.39 -21.86 -14.72
CA PRO A 343 18.13 -20.64 -13.95
C PRO A 343 16.68 -20.19 -14.09
N ILE A 344 16.20 -19.51 -13.06
CA ILE A 344 14.82 -19.05 -12.98
C ILE A 344 14.81 -17.54 -13.17
N PRO A 345 14.05 -17.00 -14.13
CA PRO A 345 14.06 -15.56 -14.36
C PRO A 345 13.37 -14.79 -13.24
N VAL A 346 14.01 -13.71 -12.80
CA VAL A 346 13.53 -12.93 -11.65
C VAL A 346 13.72 -11.44 -11.92
N VAL A 347 12.79 -10.64 -11.38
CA VAL A 347 12.92 -9.18 -11.33
C VAL A 347 12.55 -8.73 -9.92
N PRO A 348 13.00 -7.56 -9.50
CA PRO A 348 12.51 -7.02 -8.23
C PRO A 348 11.05 -6.61 -8.41
N ALA A 349 10.39 -6.40 -7.28
CA ALA A 349 8.98 -6.03 -7.34
C ALA A 349 8.64 -5.18 -6.13
N ALA A 350 7.88 -4.11 -6.36
CA ALA A 350 7.46 -3.25 -5.26
C ALA A 350 6.54 -4.02 -4.33
N HIS A 351 6.75 -3.87 -3.04
CA HIS A 351 6.13 -4.78 -2.08
C HIS A 351 5.39 -4.07 -0.95
N TYR A 352 5.92 -2.96 -0.43
CA TYR A 352 5.34 -2.38 0.77
C TYR A 352 5.62 -0.88 0.80
N THR A 353 4.63 -0.12 1.27
CA THR A 353 4.69 1.34 1.31
C THR A 353 4.88 1.72 2.77
N CYS A 354 6.08 2.20 3.15
CA CYS A 354 6.28 2.56 4.56
C CYS A 354 5.66 3.91 4.93
N GLY A 355 5.36 4.76 3.95
CA GLY A 355 4.71 6.02 4.21
C GLY A 355 3.20 5.90 4.04
N GLY A 356 2.54 7.05 3.98
CA GLY A 356 1.11 7.05 3.77
C GLY A 356 0.46 8.26 4.42
N VAL A 357 -0.83 8.08 4.75
CA VAL A 357 -1.64 9.16 5.30
C VAL A 357 -1.25 9.40 6.75
N VAL A 358 -0.95 10.65 7.09
CA VAL A 358 -0.47 10.97 8.44
C VAL A 358 -1.58 10.73 9.46
N VAL A 359 -1.29 9.95 10.51
CA VAL A 359 -2.29 9.73 11.56
C VAL A 359 -1.62 9.91 12.92
N ASP A 360 -2.46 10.15 13.91
CA ASP A 360 -2.04 10.27 15.30
C ASP A 360 -2.22 8.93 16.01
N ASP A 361 -2.12 8.95 17.35
CA ASP A 361 -2.17 7.73 18.16
C ASP A 361 -3.50 7.00 18.02
N TYR A 362 -4.57 7.70 17.64
CA TYR A 362 -5.89 7.10 17.44
C TYR A 362 -6.15 6.67 16.01
N GLY A 363 -5.14 6.73 15.15
CA GLY A 363 -5.38 6.52 13.74
C GLY A 363 -6.18 7.62 13.08
N ARG A 364 -6.32 8.78 13.72
CA ARG A 364 -7.05 9.89 13.12
C ARG A 364 -6.22 10.58 12.05
N THR A 365 -6.83 10.81 10.88
CA THR A 365 -6.22 11.66 9.86
C THR A 365 -6.44 13.12 10.24
N ASP A 366 -6.03 14.03 9.35
CA ASP A 366 -6.28 15.45 9.57
C ASP A 366 -7.75 15.83 9.41
N VAL A 367 -8.59 14.94 8.90
CA VAL A 367 -10.01 15.23 8.68
C VAL A 367 -10.84 14.52 9.74
N ASP A 368 -11.68 15.28 10.45
N ASP A 368 -11.68 15.28 10.45
CA ASP A 368 -12.53 14.71 11.49
CA ASP A 368 -12.53 14.71 11.49
C ASP A 368 -13.39 13.60 10.91
C ASP A 368 -13.40 13.60 10.92
N GLY A 369 -13.56 12.53 11.69
CA GLY A 369 -14.31 11.38 11.25
C GLY A 369 -13.60 10.43 10.32
N LEU A 370 -12.41 10.79 9.84
CA LEU A 370 -11.69 9.98 8.87
C LEU A 370 -10.45 9.40 9.53
N TYR A 371 -10.32 8.08 9.47
CA TYR A 371 -9.22 7.33 10.10
C TYR A 371 -8.47 6.58 9.02
N ALA A 372 -7.24 6.17 9.34
CA ALA A 372 -6.43 5.38 8.41
C ALA A 372 -5.58 4.43 9.24
N ILE A 373 -5.61 3.14 8.91
CA ILE A 373 -4.83 2.16 9.66
C ILE A 373 -4.23 1.17 8.68
N GLY A 374 -3.13 0.57 9.07
CA GLY A 374 -2.48 -0.39 8.20
C GLY A 374 -1.55 0.30 7.22
N GLU A 375 -1.26 -0.40 6.13
CA GLU A 375 -0.22 0.08 5.21
C GLU A 375 -0.58 1.43 4.59
N VAL A 376 -1.87 1.77 4.49
CA VAL A 376 -2.25 3.08 3.95
C VAL A 376 -1.77 4.24 4.83
N SER A 377 -1.42 3.99 6.08
CA SER A 377 -1.13 5.05 7.03
C SER A 377 0.36 5.28 7.24
N TYR A 378 0.69 6.51 7.64
CA TYR A 378 1.99 6.88 8.19
C TYR A 378 1.82 7.16 9.67
N THR A 379 2.32 6.25 10.52
CA THR A 379 2.27 6.44 11.97
C THR A 379 3.59 6.95 12.54
N GLY A 380 4.69 6.76 11.84
CA GLY A 380 6.01 6.98 12.38
C GLY A 380 6.68 5.72 12.89
N LEU A 381 5.93 4.61 12.98
CA LEU A 381 6.50 3.36 13.47
C LEU A 381 7.70 2.90 12.66
N HIS A 382 7.61 3.01 11.34
CA HIS A 382 8.59 2.37 10.46
C HIS A 382 9.79 3.25 10.19
N GLY A 383 9.64 4.57 10.18
CA GLY A 383 10.76 5.37 9.71
C GLY A 383 11.10 5.04 8.27
N ALA A 384 12.41 4.89 7.99
CA ALA A 384 12.88 4.75 6.61
C ALA A 384 12.87 3.30 6.10
N ASN A 385 12.42 2.33 6.89
CA ASN A 385 12.42 0.96 6.39
C ASN A 385 11.37 0.20 7.19
N ARG A 386 11.25 -1.09 6.94
CA ARG A 386 10.22 -1.86 7.62
C ARG A 386 10.87 -3.05 8.28
N MET A 387 10.55 -3.26 9.55
N MET A 387 10.59 -3.26 9.56
CA MET A 387 10.88 -4.51 10.23
CA MET A 387 11.08 -4.45 10.25
C MET A 387 9.70 -5.47 10.09
C MET A 387 10.03 -5.56 10.15
N ALA A 388 9.97 -6.64 9.51
N ALA A 388 10.49 -6.80 10.29
CA ALA A 388 9.02 -7.73 9.24
CA ALA A 388 9.59 -7.94 10.24
C ALA A 388 7.69 -7.68 9.98
C ALA A 388 8.62 -7.89 11.40
N SER A 389 7.73 -8.03 11.26
N SER A 389 7.35 -8.22 11.11
CA SER A 389 6.52 -8.26 12.05
CA SER A 389 6.26 -8.37 12.07
C SER A 389 5.77 -6.97 12.37
C SER A 389 5.62 -7.05 12.46
N ASN A 390 6.33 -5.80 12.08
N ASN A 390 6.31 -5.92 12.23
CA ASN A 390 5.69 -4.57 12.53
CA ASN A 390 5.75 -4.66 12.69
C ASN A 390 4.45 -4.20 11.72
C ASN A 390 4.49 -4.27 11.96
N SER A 391 4.29 -4.72 10.49
N SER A 391 4.37 -4.60 10.67
CA SER A 391 3.13 -4.27 9.72
CA SER A 391 3.18 -4.24 9.90
C SER A 391 1.84 -4.84 10.30
C SER A 391 1.92 -4.76 10.57
N LEU A 392 1.86 -6.08 10.79
CA LEU A 392 0.68 -6.64 11.44
C LEU A 392 0.45 -6.01 12.80
N LEU A 393 1.52 -5.78 13.56
CA LEU A 393 1.35 -5.19 14.90
C LEU A 393 0.77 -3.80 14.78
N GLU A 394 1.22 -3.05 13.78
CA GLU A 394 0.73 -1.70 13.54
C GLU A 394 -0.77 -1.70 13.28
N CYS A 395 -1.24 -2.60 12.41
N CYS A 395 -1.21 -2.55 12.34
CA CYS A 395 -2.67 -2.54 12.10
CA CYS A 395 -2.64 -2.70 12.05
C CYS A 395 -3.54 -3.07 13.23
C CYS A 395 -3.42 -2.92 13.32
N LEU A 396 -2.98 -3.89 14.13
CA LEU A 396 -3.75 -4.30 15.30
C LEU A 396 -3.79 -3.20 16.36
N VAL A 397 -2.65 -2.57 16.64
CA VAL A 397 -2.61 -1.59 17.72
C VAL A 397 -3.38 -0.34 17.32
N TYR A 398 -3.15 0.17 16.11
CA TYR A 398 -3.89 1.36 15.67
C TYR A 398 -5.36 1.05 15.41
N GLY A 399 -5.70 -0.19 15.01
CA GLY A 399 -7.11 -0.55 14.94
C GLY A 399 -7.78 -0.52 16.30
N TRP A 400 -7.08 -1.01 17.32
CA TRP A 400 -7.63 -0.93 18.67
C TRP A 400 -7.87 0.53 19.08
N SER A 401 -6.89 1.39 18.84
N SER A 401 -6.87 1.39 18.85
CA SER A 401 -7.04 2.78 19.30
CA SER A 401 -6.99 2.79 19.26
C SER A 401 -8.03 3.55 18.43
C SER A 401 -8.05 3.50 18.43
N ALA A 402 -8.05 3.28 17.12
CA ALA A 402 -9.12 3.84 16.28
C ALA A 402 -10.49 3.42 16.78
N ALA A 403 -10.66 2.12 17.13
CA ALA A 403 -11.97 1.69 17.63
C ALA A 403 -12.36 2.45 18.90
N MET A 404 -11.40 2.64 19.81
CA MET A 404 -11.73 3.36 21.05
C MET A 404 -12.22 4.77 20.73
N ASP A 405 -11.53 5.45 19.81
CA ASP A 405 -11.92 6.83 19.51
C ASP A 405 -13.25 6.87 18.77
N ILE A 406 -13.42 5.99 17.78
CA ILE A 406 -14.68 5.94 17.03
C ILE A 406 -15.85 5.65 17.95
N ASP A 407 -15.67 4.70 18.88
N ASP A 407 -15.68 4.69 18.87
CA ASP A 407 -16.73 4.40 19.85
CA ASP A 407 -16.73 4.36 19.81
C ASP A 407 -17.08 5.64 20.68
C ASP A 407 -17.04 5.55 20.72
N ARG A 408 -16.06 6.33 21.19
N ARG A 408 -15.99 6.26 21.17
CA ARG A 408 -16.30 7.47 22.07
CA ARG A 408 -16.18 7.44 22.00
C ARG A 408 -16.89 8.65 21.31
C ARG A 408 -16.96 8.52 21.27
N ARG A 409 -16.57 8.76 20.01
CA ARG A 409 -17.07 9.87 19.21
C ARG A 409 -18.50 9.66 18.72
N MET A 410 -18.90 8.40 18.54
CA MET A 410 -20.16 8.09 17.85
C MET A 410 -21.39 8.81 18.38
N PRO A 411 -21.65 8.89 19.69
CA PRO A 411 -22.90 9.56 20.12
C PRO A 411 -22.99 11.02 19.73
N SER A 412 -21.88 11.69 19.46
CA SER A 412 -21.93 13.11 19.08
C SER A 412 -22.20 13.32 17.60
N VAL A 413 -22.19 12.26 16.78
CA VAL A 413 -22.37 12.39 15.34
C VAL A 413 -23.83 12.13 15.01
N HIS A 414 -24.45 13.07 14.33
CA HIS A 414 -25.84 12.91 13.95
C HIS A 414 -25.93 12.55 12.48
N SER A 415 -26.94 11.74 12.16
N SER A 415 -26.93 11.73 12.16
CA SER A 415 -27.12 11.23 10.81
CA SER A 415 -27.08 11.23 10.80
C SER A 415 -27.46 12.37 9.83
C SER A 415 -27.43 12.37 9.85
N VAL A 416 -27.03 12.19 8.59
CA VAL A 416 -27.37 13.09 7.49
C VAL A 416 -28.34 12.33 6.58
N ASP A 417 -29.54 12.87 6.38
CA ASP A 417 -30.54 12.14 5.60
C ASP A 417 -30.48 12.44 4.10
N ALA A 418 -29.61 13.33 3.65
CA ALA A 418 -29.48 13.62 2.24
C ALA A 418 -28.04 13.98 1.95
N LEU A 419 -27.51 13.45 0.85
CA LEU A 419 -26.12 13.68 0.45
C LEU A 419 -26.06 14.05 -1.02
N PRO A 420 -25.00 14.76 -1.44
CA PRO A 420 -24.86 15.14 -2.86
C PRO A 420 -24.71 13.91 -3.74
N ALA A 421 -25.62 13.76 -4.70
CA ALA A 421 -25.51 12.67 -5.65
C ALA A 421 -24.33 12.90 -6.60
N TRP A 422 -23.84 11.80 -7.16
CA TRP A 422 -22.74 11.89 -8.12
C TRP A 422 -23.21 12.57 -9.41
N ASP A 423 -22.35 13.42 -9.95
CA ASP A 423 -22.64 14.12 -11.21
C ASP A 423 -22.95 13.10 -12.31
N GLU A 424 -23.71 13.56 -13.32
CA GLU A 424 -24.18 12.66 -14.36
C GLU A 424 -23.02 11.90 -15.01
N SER A 425 -21.91 12.59 -15.28
CA SER A 425 -20.70 12.00 -15.86
C SER A 425 -21.03 11.07 -17.03
N ARG A 426 -21.47 11.64 -18.15
CA ARG A 426 -21.95 10.84 -19.27
C ARG A 426 -21.05 10.89 -20.49
N VAL A 427 -19.90 11.56 -20.40
CA VAL A 427 -19.02 11.68 -21.57
C VAL A 427 -18.46 10.31 -21.93
N GLU A 428 -18.47 9.99 -23.21
CA GLU A 428 -18.05 8.67 -23.68
C GLU A 428 -17.44 8.80 -25.06
N ASN A 429 -16.16 8.47 -25.17
CA ASN A 429 -15.50 8.27 -26.45
C ASN A 429 -14.73 6.97 -26.33
N ALA A 430 -15.10 5.97 -27.15
CA ALA A 430 -14.51 4.65 -27.01
C ALA A 430 -12.98 4.68 -27.21
N ASP A 431 -12.50 5.50 -28.15
CA ASP A 431 -11.06 5.51 -28.39
C ASP A 431 -10.32 6.16 -27.25
N GLU A 432 -10.85 7.26 -26.71
CA GLU A 432 -10.24 7.88 -25.54
C GLU A 432 -10.21 6.93 -24.35
N ARG A 433 -11.21 6.06 -24.24
CA ARG A 433 -11.21 5.10 -23.13
C ARG A 433 -10.01 4.16 -23.24
N VAL A 434 -9.60 3.82 -24.46
CA VAL A 434 -8.42 2.98 -24.62
C VAL A 434 -7.16 3.70 -24.15
N VAL A 435 -7.06 5.01 -24.40
CA VAL A 435 -5.87 5.77 -23.98
C VAL A 435 -5.68 5.71 -22.47
N ILE A 436 -6.75 5.57 -21.69
CA ILE A 436 -6.61 5.43 -20.25
C ILE A 436 -5.69 4.26 -19.91
N GLN A 437 -5.80 3.16 -20.66
CA GLN A 437 -4.92 2.02 -20.46
C GLN A 437 -3.49 2.34 -20.85
N HIS A 438 -3.28 3.06 -21.96
CA HIS A 438 -1.91 3.45 -22.32
C HIS A 438 -1.28 4.26 -21.19
N ASN A 439 -2.03 5.23 -20.64
CA ASN A 439 -1.50 6.08 -19.58
C ASN A 439 -1.18 5.27 -18.33
N TRP A 440 -2.01 4.27 -18.04
CA TRP A 440 -1.79 3.40 -16.88
C TRP A 440 -0.43 2.71 -16.98
N HIS A 441 -0.15 2.14 -18.16
CA HIS A 441 1.14 1.49 -18.38
C HIS A 441 2.28 2.50 -18.38
N GLU A 442 2.06 3.69 -18.96
N GLU A 442 2.07 3.68 -18.99
CA GLU A 442 3.10 4.71 -18.99
CA GLU A 442 3.08 4.73 -18.99
C GLU A 442 3.51 5.13 -17.57
C GLU A 442 3.51 5.07 -17.57
N LEU A 443 2.53 5.29 -16.68
CA LEU A 443 2.82 5.68 -15.31
C LEU A 443 3.64 4.61 -14.60
N ARG A 444 3.23 3.35 -14.75
CA ARG A 444 3.91 2.30 -14.01
C ARG A 444 5.33 2.08 -14.52
N LEU A 445 5.57 2.32 -15.80
CA LEU A 445 6.93 2.19 -16.31
C LEU A 445 7.80 3.36 -15.88
N LEU A 446 7.29 4.59 -15.97
CA LEU A 446 8.10 5.74 -15.60
C LEU A 446 8.43 5.72 -14.12
N MET A 447 7.53 5.21 -13.27
CA MET A 447 7.88 5.10 -11.85
C MET A 447 9.00 4.09 -11.64
N TRP A 448 8.97 2.98 -12.37
CA TRP A 448 10.04 1.99 -12.27
C TRP A 448 11.38 2.58 -12.68
N ASP A 449 11.39 3.36 -13.76
CA ASP A 449 12.64 3.93 -14.26
C ASP A 449 13.10 5.11 -13.42
N TYR A 450 12.16 5.96 -12.98
CA TYR A 450 12.54 7.29 -12.54
C TYR A 450 12.28 7.58 -11.06
N VAL A 451 11.54 6.74 -10.35
CA VAL A 451 11.41 6.83 -8.90
C VAL A 451 11.59 5.42 -8.34
N GLY A 452 12.54 4.69 -8.88
CA GLY A 452 12.64 3.27 -8.63
C GLY A 452 13.60 2.92 -7.53
N ILE A 453 14.25 1.78 -7.68
CA ILE A 453 15.11 1.23 -6.62
C ILE A 453 16.34 2.11 -6.43
N VAL A 454 16.98 2.51 -7.52
CA VAL A 454 18.11 3.42 -7.50
C VAL A 454 17.66 4.74 -8.10
N ARG A 455 17.87 5.84 -7.38
CA ARG A 455 17.36 7.14 -7.80
C ARG A 455 18.48 8.13 -8.08
N THR A 456 18.15 9.15 -8.86
CA THR A 456 19.01 10.31 -9.04
C THR A 456 18.10 11.54 -9.11
N THR A 457 18.69 12.71 -8.85
CA THR A 457 17.91 13.94 -8.92
C THR A 457 17.32 14.15 -10.31
N LYS A 458 18.15 13.95 -11.35
CA LYS A 458 17.65 14.14 -12.72
C LYS A 458 16.62 13.11 -13.12
N ARG A 459 16.72 11.87 -12.62
CA ARG A 459 15.64 10.92 -12.89
C ARG A 459 14.35 11.36 -12.21
N LEU A 460 14.43 11.86 -10.97
CA LEU A 460 13.21 12.30 -10.29
C LEU A 460 12.58 13.47 -11.04
N GLU A 461 13.39 14.39 -11.57
CA GLU A 461 12.87 15.50 -12.37
C GLU A 461 12.06 15.00 -13.56
N ARG A 462 12.58 13.97 -14.24
CA ARG A 462 11.87 13.40 -15.39
C ARG A 462 10.54 12.80 -14.96
N ALA A 463 10.51 12.10 -13.81
CA ALA A 463 9.26 11.55 -13.32
C ALA A 463 8.24 12.64 -13.05
N LEU A 464 8.64 13.70 -12.34
CA LEU A 464 7.69 14.75 -11.99
C LEU A 464 7.13 15.44 -13.23
N ARG A 465 8.00 15.67 -14.23
CA ARG A 465 7.57 16.25 -15.50
C ARG A 465 6.49 15.40 -16.18
N ARG A 466 6.70 14.09 -16.23
CA ARG A 466 5.73 13.21 -16.89
C ARG A 466 4.46 13.08 -16.06
N ILE A 467 4.60 12.98 -14.73
CA ILE A 467 3.43 12.89 -13.86
C ILE A 467 2.58 14.14 -13.99
N THR A 468 3.22 15.31 -14.00
CA THR A 468 2.50 16.57 -14.19
C THR A 468 1.77 16.58 -15.54
N MET A 469 2.45 16.14 -16.60
CA MET A 469 1.79 16.04 -17.90
C MET A 469 0.55 15.14 -17.81
N LEU A 470 0.70 13.96 -17.20
CA LEU A 470 -0.44 13.04 -17.13
C LEU A 470 -1.59 13.63 -16.33
N GLN A 471 -1.29 14.33 -15.23
N GLN A 471 -1.31 14.36 -15.25
CA GLN A 471 -2.33 15.00 -14.44
CA GLN A 471 -2.39 14.95 -14.46
C GLN A 471 -3.10 15.99 -15.29
C GLN A 471 -3.12 16.03 -15.26
N GLN A 472 -2.38 16.85 -16.02
CA GLN A 472 -3.02 17.85 -16.85
C GLN A 472 -3.84 17.20 -17.96
N GLU A 473 -3.33 16.11 -18.56
CA GLU A 473 -4.10 15.40 -19.59
C GLU A 473 -5.35 14.78 -19.00
N ILE A 474 -5.23 14.17 -17.83
CA ILE A 474 -6.41 13.58 -17.19
C ILE A 474 -7.47 14.66 -16.95
N ASP A 475 -7.07 15.81 -16.42
CA ASP A 475 -8.00 16.94 -16.27
C ASP A 475 -8.60 17.35 -17.60
N GLU A 476 -7.78 17.43 -18.64
CA GLU A 476 -8.25 17.99 -19.90
C GLU A 476 -9.12 16.99 -20.67
N TYR A 477 -8.72 15.72 -20.68
CA TYR A 477 -9.36 14.76 -21.58
C TYR A 477 -10.45 13.91 -20.92
N TYR A 478 -10.33 13.60 -19.63
CA TYR A 478 -11.25 12.66 -19.00
C TYR A 478 -12.23 13.35 -18.05
N ALA A 479 -12.35 14.67 -18.11
CA ALA A 479 -13.29 15.37 -17.25
C ALA A 479 -14.72 14.93 -17.55
N ASN A 480 -15.46 14.58 -16.50
CA ASN A 480 -16.85 14.13 -16.64
C ASN A 480 -16.98 12.84 -17.45
N PHE A 481 -15.87 12.12 -17.64
CA PHE A 481 -15.95 10.78 -18.19
C PHE A 481 -16.74 9.88 -17.25
N ARG A 482 -17.52 8.99 -17.84
CA ARG A 482 -18.21 7.96 -17.06
C ARG A 482 -17.19 7.22 -16.20
N VAL A 483 -17.56 6.97 -14.94
CA VAL A 483 -16.63 6.30 -14.04
C VAL A 483 -16.42 4.88 -14.53
N SER A 484 -15.18 4.42 -14.44
CA SER A 484 -14.84 3.03 -14.70
C SER A 484 -13.69 2.67 -13.77
N ASN A 485 -13.50 1.37 -13.55
CA ASN A 485 -12.43 0.91 -12.67
C ASN A 485 -11.06 1.39 -13.17
N ASN A 486 -10.86 1.34 -14.49
CA ASN A 486 -9.58 1.74 -15.07
C ASN A 486 -9.32 3.23 -14.86
N LEU A 487 -10.34 4.06 -15.06
CA LEU A 487 -10.15 5.50 -14.88
C LEU A 487 -9.92 5.86 -13.41
N LEU A 488 -10.70 5.28 -12.50
CA LEU A 488 -10.46 5.51 -11.07
C LEU A 488 -9.03 5.14 -10.70
N GLU A 489 -8.58 3.96 -11.15
CA GLU A 489 -7.22 3.53 -10.83
C GLU A 489 -6.19 4.47 -11.43
N LEU A 490 -6.37 4.87 -12.69
CA LEU A 490 -5.41 5.81 -13.28
C LEU A 490 -5.34 7.10 -12.48
N ARG A 491 -6.50 7.68 -12.17
CA ARG A 491 -6.51 8.93 -11.42
C ARG A 491 -5.76 8.78 -10.10
N ASN A 492 -5.99 7.66 -9.40
CA ASN A 492 -5.39 7.48 -8.09
C ASN A 492 -3.90 7.18 -8.20
N LEU A 493 -3.50 6.33 -9.15
CA LEU A 493 -2.09 6.01 -9.32
C LEU A 493 -1.27 7.25 -9.67
N VAL A 494 -1.80 8.10 -10.55
CA VAL A 494 -1.07 9.30 -10.92
C VAL A 494 -1.00 10.26 -9.74
N GLN A 495 -2.10 10.37 -8.98
CA GLN A 495 -2.09 11.23 -7.80
C GLN A 495 -1.05 10.77 -6.79
N VAL A 496 -1.01 9.47 -6.51
CA VAL A 496 -0.06 9.01 -5.50
C VAL A 496 1.35 9.05 -6.03
N ALA A 497 1.55 8.81 -7.33
CA ALA A 497 2.88 8.96 -7.92
C ALA A 497 3.42 10.37 -7.70
N GLU A 498 2.58 11.40 -7.87
CA GLU A 498 3.01 12.77 -7.62
C GLU A 498 3.52 12.92 -6.20
N LEU A 499 2.81 12.32 -5.23
CA LEU A 499 3.21 12.48 -3.84
C LEU A 499 4.50 11.73 -3.56
N ILE A 500 4.66 10.54 -4.17
CA ILE A 500 5.88 9.77 -4.00
C ILE A 500 7.08 10.54 -4.51
N VAL A 501 6.98 11.09 -5.74
N VAL A 501 6.99 11.11 -5.73
CA VAL A 501 8.15 11.74 -6.30
CA VAL A 501 8.14 11.80 -6.29
C VAL A 501 8.44 13.04 -5.56
C VAL A 501 8.47 13.04 -5.46
N ARG A 502 7.42 13.72 -5.04
N ARG A 502 7.43 13.78 -5.05
CA ARG A 502 7.68 14.94 -4.30
CA ARG A 502 7.66 14.98 -4.26
C ARG A 502 8.37 14.65 -2.96
C ARG A 502 8.39 14.65 -2.95
N CYS A 503 8.01 13.55 -2.31
CA CYS A 503 8.74 13.12 -1.11
C CYS A 503 10.18 12.72 -1.45
N ALA A 504 10.37 11.97 -2.53
CA ALA A 504 11.73 11.56 -2.92
C ALA A 504 12.60 12.77 -3.24
N MET A 505 12.01 13.79 -3.87
CA MET A 505 12.80 14.98 -4.21
C MET A 505 13.21 15.77 -2.98
N MET A 506 12.37 15.75 -1.93
CA MET A 506 12.68 16.49 -0.70
C MET A 506 13.91 15.94 0.01
N ARG A 507 14.20 14.64 -0.14
CA ARG A 507 15.20 14.00 0.73
C ARG A 507 16.57 14.05 0.08
N LYS A 508 17.44 14.93 0.59
CA LYS A 508 18.77 15.15 0.02
C LYS A 508 19.81 14.30 0.76
N GLU A 509 19.55 12.99 0.78
CA GLU A 509 20.41 12.03 1.48
C GLU A 509 19.93 10.66 1.06
N SER A 510 20.75 9.65 1.36
CA SER A 510 20.35 8.25 1.21
C SER A 510 20.12 7.70 2.62
N ARG A 511 18.94 7.16 2.86
CA ARG A 511 18.61 6.60 4.17
C ARG A 511 17.59 5.50 3.95
N GLY A 512 17.85 4.31 4.51
CA GLY A 512 16.86 3.24 4.41
C GLY A 512 16.52 2.91 2.97
N LEU A 513 15.23 2.91 2.67
CA LEU A 513 14.72 2.52 1.35
C LEU A 513 14.90 3.61 0.29
N HIS A 514 15.31 4.82 0.67
CA HIS A 514 15.57 5.89 -0.30
C HIS A 514 17.07 5.94 -0.61
N PHE A 515 17.43 5.56 -1.83
CA PHE A 515 18.82 5.43 -2.24
C PHE A 515 19.02 6.30 -3.47
N THR A 516 19.75 7.41 -3.31
CA THR A 516 20.03 8.31 -4.43
C THR A 516 21.54 8.43 -4.67
N LEU A 517 21.95 8.24 -5.93
CA LEU A 517 23.35 8.35 -6.29
C LEU A 517 23.91 9.76 -6.04
N ASP A 518 23.05 10.78 -6.00
CA ASP A 518 23.55 12.14 -5.86
C ASP A 518 23.81 12.53 -4.41
N TYR A 519 23.22 11.81 -3.46
CA TYR A 519 23.44 12.07 -2.03
C TYR A 519 23.68 10.74 -1.34
N PRO A 520 24.89 10.19 -1.45
CA PRO A 520 25.13 8.83 -0.91
C PRO A 520 25.16 8.76 0.60
N GLN A 521 25.44 9.86 1.30
N GLN A 521 25.44 9.85 1.31
CA GLN A 521 25.55 9.84 2.76
CA GLN A 521 25.56 9.82 2.76
C GLN A 521 24.23 10.18 3.43
C GLN A 521 24.24 10.20 3.44
N GLN A 522 24.17 9.94 4.75
CA GLN A 522 23.03 10.34 5.57
C GLN A 522 23.27 11.73 6.16
N LEU A 523 22.22 12.52 6.27
CA LEU A 523 22.33 13.76 7.04
C LEU A 523 22.51 13.44 8.51
N ALA A 524 23.17 14.36 9.23
CA ALA A 524 23.33 14.17 10.67
C ALA A 524 22.00 14.19 11.37
N GLU A 525 21.14 15.14 11.02
CA GLU A 525 19.79 15.24 11.57
C GLU A 525 18.80 15.10 10.42
N SER A 526 17.74 14.32 10.65
CA SER A 526 16.73 14.17 9.62
C SER A 526 15.39 13.86 10.28
N GLY A 527 14.38 13.69 9.46
CA GLY A 527 13.06 13.40 9.94
C GLY A 527 12.24 12.95 8.75
N PRO A 528 10.92 12.81 8.93
CA PRO A 528 10.06 12.37 7.84
C PRO A 528 9.89 13.45 6.79
N SER A 529 9.51 13.01 5.58
CA SER A 529 9.14 13.92 4.51
C SER A 529 7.63 14.09 4.56
N ILE A 530 7.14 15.30 4.85
CA ILE A 530 5.71 15.52 5.02
C ILE A 530 5.22 16.46 3.93
N LEU A 531 4.12 16.10 3.26
CA LEU A 531 3.49 16.95 2.27
C LEU A 531 2.12 17.37 2.76
N SER A 532 1.78 18.64 2.56
CA SER A 532 0.46 19.14 2.90
C SER A 532 -0.28 19.58 1.66
N PRO A 533 -1.55 19.18 1.48
CA PRO A 533 -2.34 19.66 0.34
C PRO A 533 -2.84 21.08 0.52
N LEU A 534 -2.72 21.64 1.72
CA LEU A 534 -3.22 22.97 2.02
C LEU A 534 -2.21 24.08 1.73
N THR A 535 -0.97 23.73 1.42
CA THR A 535 0.04 24.72 1.07
C THR A 535 0.15 24.83 -0.45
#